data_2F64
#
_entry.id   2F64
#
_cell.length_a   59.827
_cell.length_b   75.351
_cell.length_c   87.048
_cell.angle_alpha   90.00
_cell.angle_beta   90.01
_cell.angle_gamma   90.00
#
_symmetry.space_group_name_H-M   'C 1 2 1'
#
loop_
_entity.id
_entity.type
_entity.pdbx_description
1 polymer 'Nucleoside 2-deoxyribosyltransferase'
2 non-polymer 'SULFATE ION'
3 non-polymer 1-METHYLQUINOLIN-2(1H)-ONE
4 non-polymer GLYCEROL
5 water water
#
_entity_poly.entity_id   1
_entity_poly.type   'polypeptide(L)'
_entity_poly.pdbx_seq_one_letter_code
;(MSE)AHHHHHH(MSE)RKIYIAGPAVFNPD(MSE)GASYYNKVRELLKKENV(MSE)PLIPTDNEATEALDIRQKNIQ
(MSE)IKDCDAVIADLSPFRGHEPDCGTAFEVGCAAALNK(MSE)VLTFTSDRRN(MSE)REKYGSGVDKDNLRVEGFGL
PFNL(MSE)LYDGVEVFDSFESAFKYFLANFPSK
;
_entity_poly.pdbx_strand_id   A,B
#
loop_
_chem_comp.id
_chem_comp.type
_chem_comp.name
_chem_comp.formula
12Q non-polymer 1-METHYLQUINOLIN-2(1H)-ONE 'C10 H9 N O'
GOL non-polymer GLYCEROL 'C3 H8 O3'
SO4 non-polymer 'SULFATE ION' 'O4 S -2'
#
# COMPACT_ATOMS: atom_id res chain seq x y z
N HIS A 3 20.72 -2.70 -39.08
CA HIS A 3 19.94 -3.92 -38.70
C HIS A 3 18.58 -3.61 -38.04
N HIS A 4 18.50 -2.45 -37.40
CA HIS A 4 17.23 -1.91 -36.90
C HIS A 4 16.40 -2.92 -36.10
N HIS A 5 17.00 -3.41 -35.02
CA HIS A 5 16.30 -4.24 -34.04
C HIS A 5 15.44 -3.36 -33.15
N HIS A 6 14.41 -3.96 -32.56
CA HIS A 6 13.61 -3.25 -31.56
C HIS A 6 14.51 -2.85 -30.39
N HIS A 7 14.32 -1.63 -29.89
CA HIS A 7 15.06 -1.15 -28.74
C HIS A 7 14.08 -0.79 -27.64
N HIS A 8 14.30 -1.36 -26.46
CA HIS A 8 13.46 -1.07 -25.31
C HIS A 8 13.89 0.25 -24.67
N MSE A 9 12.92 1.12 -24.42
CA MSE A 9 13.16 2.33 -23.68
C MSE A 9 12.78 2.04 -22.23
O MSE A 9 11.66 1.61 -21.95
CB MSE A 9 12.33 3.48 -24.21
CG MSE A 9 12.74 4.83 -23.64
SE MSE A 9 11.64 6.20 -24.42
CE MSE A 9 9.99 5.51 -23.77
N ARG A 10 13.71 2.28 -21.32
CA ARG A 10 13.48 2.02 -19.91
C ARG A 10 12.42 2.96 -19.36
N LYS A 11 11.65 2.46 -18.39
CA LYS A 11 10.49 3.18 -17.86
C LYS A 11 10.48 3.05 -16.34
N ILE A 12 10.23 4.16 -15.67
CA ILE A 12 10.12 4.16 -14.22
C ILE A 12 8.79 4.77 -13.78
N TYR A 13 8.05 4.04 -12.95
CA TYR A 13 6.83 4.55 -12.36
C TYR A 13 7.17 5.48 -11.20
N ILE A 14 6.60 6.68 -11.23
CA ILE A 14 6.94 7.74 -10.29
C ILE A 14 5.89 7.79 -9.20
N ALA A 15 6.07 6.98 -8.17
CA ALA A 15 5.09 6.84 -7.09
C ALA A 15 5.39 7.85 -5.99
N GLY A 16 4.34 8.44 -5.44
CA GLY A 16 4.52 9.39 -4.35
C GLY A 16 3.42 10.43 -4.26
N PRO A 17 3.29 11.08 -3.10
CA PRO A 17 2.23 12.04 -2.85
C PRO A 17 2.40 13.44 -3.46
N ALA A 18 3.37 13.62 -4.37
CA ALA A 18 3.52 14.93 -5.05
C ALA A 18 2.23 15.36 -5.74
N VAL A 19 1.45 14.39 -6.20
CA VAL A 19 0.15 14.65 -6.82
C VAL A 19 -0.80 15.50 -5.96
N PHE A 20 -0.60 15.49 -4.64
CA PHE A 20 -1.43 16.28 -3.72
C PHE A 20 -0.87 17.67 -3.42
N ASN A 21 0.28 18.00 -3.99
CA ASN A 21 0.80 19.36 -3.85
C ASN A 21 -0.18 20.32 -4.51
N PRO A 22 -0.17 21.59 -4.09
CA PRO A 22 -1.05 22.59 -4.72
C PRO A 22 -0.97 22.60 -6.24
N ASP A 23 0.23 22.41 -6.80
CA ASP A 23 0.42 22.40 -8.25
C ASP A 23 0.19 21.00 -8.88
N MSE A 24 -0.41 20.09 -8.11
CA MSE A 24 -0.70 18.73 -8.56
C MSE A 24 0.56 17.95 -8.90
O MSE A 24 0.50 16.98 -9.67
CB MSE A 24 -1.67 18.73 -9.74
CG MSE A 24 -2.84 19.67 -9.58
SE MSE A 24 -4.18 19.37 -10.94
CE MSE A 24 -4.86 17.65 -10.27
N GLY A 25 1.69 18.36 -8.34
CA GLY A 25 2.97 17.67 -8.52
C GLY A 25 3.82 18.18 -9.66
N ALA A 26 3.38 19.23 -10.33
CA ALA A 26 4.08 19.75 -11.52
C ALA A 26 5.57 20.00 -11.28
N SER A 27 5.90 20.69 -10.19
CA SER A 27 7.31 21.01 -9.90
C SER A 27 8.14 19.74 -9.68
N TYR A 28 7.60 18.79 -8.93
CA TYR A 28 8.26 17.51 -8.69
C TYR A 28 8.42 16.73 -9.99
N TYR A 29 7.32 16.55 -10.70
CA TYR A 29 7.33 15.79 -11.95
C TYR A 29 8.20 16.43 -13.02
N ASN A 30 8.25 17.76 -13.06
CA ASN A 30 9.12 18.46 -14.00
C ASN A 30 10.59 18.13 -13.75
N LYS A 31 10.99 18.14 -12.48
CA LYS A 31 12.37 17.78 -12.11
C LYS A 31 12.67 16.33 -12.48
N VAL A 32 11.71 15.44 -12.23
CA VAL A 32 11.84 14.02 -12.60
C VAL A 32 12.01 13.89 -14.11
N ARG A 33 11.16 14.56 -14.87
CA ARG A 33 11.21 14.51 -16.33
CA ARG A 33 11.22 14.52 -16.34
C ARG A 33 12.58 14.96 -16.85
N GLU A 34 13.12 16.05 -16.31
CA GLU A 34 14.40 16.58 -16.76
CA GLU A 34 14.40 16.59 -16.75
C GLU A 34 15.55 15.61 -16.45
N LEU A 35 15.51 15.03 -15.26
CA LEU A 35 16.56 14.09 -14.84
C LEU A 35 16.56 12.83 -15.70
N LEU A 36 15.38 12.27 -15.93
CA LEU A 36 15.26 11.02 -16.68
C LEU A 36 15.52 11.21 -18.18
N LYS A 37 15.12 12.36 -18.72
CA LYS A 37 15.31 12.68 -20.14
C LYS A 37 16.78 12.52 -20.56
N LYS A 38 17.70 12.91 -19.68
CA LYS A 38 19.13 12.82 -19.95
C LYS A 38 19.62 11.40 -20.19
N GLU A 39 18.92 10.41 -19.64
CA GLU A 39 19.31 9.00 -19.74
C GLU A 39 18.37 8.19 -20.65
N ASN A 40 17.50 8.88 -21.39
CA ASN A 40 16.52 8.24 -22.25
C ASN A 40 15.63 7.26 -21.48
N VAL A 41 15.25 7.67 -20.26
CA VAL A 41 14.34 6.90 -19.43
C VAL A 41 13.00 7.62 -19.41
N MSE A 42 11.93 6.84 -19.57
CA MSE A 42 10.57 7.36 -19.60
C MSE A 42 9.97 7.39 -18.19
O MSE A 42 9.85 6.35 -17.56
CB MSE A 42 9.71 6.47 -20.48
CG MSE A 42 8.23 6.78 -20.40
SE MSE A 42 7.73 7.99 -21.79
CE MSE A 42 6.84 6.67 -22.92
N PRO A 43 9.55 8.57 -17.73
CA PRO A 43 8.76 8.58 -16.50
C PRO A 43 7.31 8.19 -16.78
N LEU A 44 6.78 7.27 -15.97
CA LEU A 44 5.37 6.95 -15.98
C LEU A 44 4.77 7.63 -14.74
N ILE A 45 4.06 8.72 -14.99
CA ILE A 45 3.63 9.63 -13.94
C ILE A 45 2.12 9.46 -13.68
N PRO A 46 1.72 9.33 -12.40
CA PRO A 46 0.33 9.03 -12.05
C PRO A 46 -0.75 9.90 -12.70
N THR A 47 -0.42 11.16 -12.98
CA THR A 47 -1.39 12.10 -13.56
C THR A 47 -1.39 12.12 -15.10
N ASP A 48 -0.55 11.31 -15.75
CA ASP A 48 -0.52 11.29 -17.21
CA ASP A 48 -0.50 11.22 -17.21
C ASP A 48 -1.84 10.80 -17.81
N ASN A 49 -2.31 11.53 -18.83
CA ASN A 49 -3.56 11.20 -19.53
C ASN A 49 -4.68 10.87 -18.55
N GLU A 50 -4.83 11.73 -17.54
CA GLU A 50 -5.68 11.42 -16.40
C GLU A 50 -7.17 11.32 -16.76
N ALA A 51 -7.80 10.24 -16.29
CA ALA A 51 -9.23 10.02 -16.48
C ALA A 51 -10.01 10.77 -15.41
N THR A 52 -11.34 10.75 -15.53
CA THR A 52 -12.23 11.46 -14.60
C THR A 52 -12.80 10.55 -13.52
N GLU A 53 -12.87 9.24 -13.80
CA GLU A 53 -13.44 8.27 -12.87
C GLU A 53 -12.34 7.62 -12.04
N ALA A 54 -12.59 7.47 -10.74
CA ALA A 54 -11.62 6.89 -9.82
C ALA A 54 -11.08 5.54 -10.31
N LEU A 55 -11.96 4.64 -10.70
CA LEU A 55 -11.55 3.28 -11.10
C LEU A 55 -10.65 3.29 -12.34
N ASP A 56 -10.89 4.23 -13.25
CA ASP A 56 -10.07 4.37 -14.45
C ASP A 56 -8.68 4.89 -14.12
N ILE A 57 -8.62 5.88 -13.23
CA ILE A 57 -7.34 6.42 -12.77
C ILE A 57 -6.53 5.32 -12.09
N ARG A 58 -7.19 4.54 -11.24
CA ARG A 58 -6.55 3.44 -10.55
C ARG A 58 -6.01 2.41 -11.54
N GLN A 59 -6.84 2.00 -12.49
CA GLN A 59 -6.46 0.95 -13.43
C GLN A 59 -5.30 1.38 -14.32
N LYS A 60 -5.30 2.65 -14.73
CA LYS A 60 -4.21 3.18 -15.54
C LYS A 60 -2.91 3.18 -14.76
N ASN A 61 -2.98 3.53 -13.47
CA ASN A 61 -1.79 3.53 -12.63
C ASN A 61 -1.25 2.12 -12.37
N ILE A 62 -2.14 1.16 -12.15
CA ILE A 62 -1.73 -0.24 -12.04
C ILE A 62 -1.06 -0.71 -13.33
N GLN A 63 -1.61 -0.30 -14.47
CA GLN A 63 -1.03 -0.68 -15.76
C GLN A 63 0.36 -0.08 -15.94
N MSE A 64 0.57 1.16 -15.48
CA MSE A 64 1.90 1.77 -15.53
C MSE A 64 2.89 0.94 -14.71
O MSE A 64 4.02 0.73 -15.13
CB MSE A 64 1.89 3.21 -15.02
CG MSE A 64 1.25 4.18 -15.99
SE MSE A 64 1.32 5.99 -15.28
CE MSE A 64 -0.23 6.73 -16.19
N ILE A 65 2.45 0.44 -13.55
CA ILE A 65 3.33 -0.39 -12.74
C ILE A 65 3.66 -1.71 -13.46
N LYS A 66 2.65 -2.32 -14.09
CA LYS A 66 2.89 -3.52 -14.89
C LYS A 66 3.87 -3.26 -16.04
N ASP A 67 3.82 -2.06 -16.61
CA ASP A 67 4.65 -1.69 -17.77
C ASP A 67 6.06 -1.25 -17.41
N CYS A 68 6.30 -0.88 -16.15
CA CYS A 68 7.57 -0.26 -15.76
C CYS A 68 8.69 -1.27 -15.59
N ASP A 69 9.91 -0.77 -15.61
CA ASP A 69 11.09 -1.55 -15.28
C ASP A 69 11.42 -1.41 -13.80
N ALA A 70 11.12 -0.24 -13.24
CA ALA A 70 11.25 -0.01 -11.81
C ALA A 70 10.26 1.02 -11.33
N VAL A 71 9.99 0.99 -10.02
CA VAL A 71 9.28 2.05 -9.34
C VAL A 71 10.30 2.81 -8.49
N ILE A 72 10.26 4.14 -8.56
CA ILE A 72 10.91 4.97 -7.55
C ILE A 72 9.80 5.62 -6.76
N ALA A 73 9.73 5.28 -5.47
CA ALA A 73 8.63 5.68 -4.60
C ALA A 73 9.08 6.66 -3.53
N ASP A 74 8.37 7.79 -3.46
CA ASP A 74 8.57 8.78 -2.40
C ASP A 74 7.79 8.34 -1.17
N LEU A 75 8.50 7.73 -0.22
CA LEU A 75 7.92 7.30 1.05
C LEU A 75 8.18 8.31 2.17
N SER A 76 8.30 9.58 1.81
CA SER A 76 8.44 10.64 2.79
C SER A 76 7.20 10.73 3.69
N PRO A 77 7.35 11.34 4.89
CA PRO A 77 6.18 11.56 5.73
C PRO A 77 5.07 12.27 4.97
N PHE A 78 3.84 11.79 5.13
CA PHE A 78 2.67 12.41 4.50
C PHE A 78 1.59 12.49 5.56
N ARG A 79 1.19 13.71 5.93
CA ARG A 79 0.15 13.93 6.93
C ARG A 79 0.49 13.25 8.26
N GLY A 80 1.76 13.38 8.66
CA GLY A 80 2.26 12.74 9.87
C GLY A 80 3.57 12.04 9.56
N HIS A 81 3.92 11.05 10.36
CA HIS A 81 5.18 10.34 10.20
C HIS A 81 5.11 9.18 9.22
N GLU A 82 3.91 8.81 8.79
CA GLU A 82 3.71 7.63 7.94
C GLU A 82 3.76 8.06 6.47
N PRO A 83 4.26 7.19 5.58
CA PRO A 83 4.16 7.46 4.14
C PRO A 83 2.72 7.49 3.64
N ASP A 84 2.54 7.97 2.41
CA ASP A 84 1.24 8.01 1.73
C ASP A 84 0.74 6.59 1.44
N CYS A 85 -0.51 6.30 1.79
CA CYS A 85 -1.06 4.96 1.58
CA CYS A 85 -1.15 5.00 1.54
C CYS A 85 -1.24 4.60 0.09
N GLY A 86 -1.50 5.58 -0.78
CA GLY A 86 -1.59 5.32 -2.21
C GLY A 86 -0.27 4.83 -2.75
N THR A 87 0.79 5.53 -2.35
CA THR A 87 2.15 5.15 -2.69
C THR A 87 2.47 3.75 -2.15
N ALA A 88 2.06 3.48 -0.91
CA ALA A 88 2.25 2.15 -0.32
C ALA A 88 1.54 1.05 -1.11
N PHE A 89 0.31 1.33 -1.55
CA PHE A 89 -0.43 0.39 -2.41
C PHE A 89 0.38 0.11 -3.67
N GLU A 90 0.91 1.15 -4.27
CA GLU A 90 1.68 1.01 -5.52
C GLU A 90 2.96 0.22 -5.32
N VAL A 91 3.62 0.42 -4.19
CA VAL A 91 4.80 -0.34 -3.83
C VAL A 91 4.46 -1.84 -3.66
N GLY A 92 3.30 -2.13 -3.06
CA GLY A 92 2.84 -3.50 -2.91
C GLY A 92 2.50 -4.15 -4.24
N CYS A 93 1.85 -3.39 -5.11
CA CYS A 93 1.57 -3.84 -6.46
CA CYS A 93 1.58 -3.83 -6.49
C CYS A 93 2.87 -4.25 -7.17
N ALA A 94 3.86 -3.36 -7.12
CA ALA A 94 5.16 -3.61 -7.75
C ALA A 94 5.87 -4.83 -7.16
N ALA A 95 5.81 -4.97 -5.83
CA ALA A 95 6.44 -6.12 -5.16
C ALA A 95 5.84 -7.44 -5.64
N ALA A 96 4.51 -7.50 -5.74
CA ALA A 96 3.81 -8.70 -6.20
C ALA A 96 4.15 -9.04 -7.65
N LEU A 97 4.45 -8.01 -8.44
CA LEU A 97 4.82 -8.19 -9.85
C LEU A 97 6.33 -8.34 -10.07
N ASN A 98 7.08 -8.50 -8.97
CA ASN A 98 8.52 -8.71 -9.02
C ASN A 98 9.28 -7.59 -9.74
N LYS A 99 8.78 -6.37 -9.60
CA LYS A 99 9.44 -5.20 -10.18
C LYS A 99 10.51 -4.69 -9.22
N MSE A 100 11.56 -4.10 -9.79
CA MSE A 100 12.52 -3.38 -8.99
C MSE A 100 11.81 -2.22 -8.29
O MSE A 100 11.19 -1.39 -8.94
CB MSE A 100 13.66 -2.85 -9.86
CG MSE A 100 14.66 -1.98 -9.10
SE MSE A 100 16.17 -1.43 -10.20
CE MSE A 100 16.98 -3.18 -10.45
N VAL A 101 11.89 -2.19 -6.96
CA VAL A 101 11.31 -1.11 -6.19
C VAL A 101 12.42 -0.36 -5.45
N LEU A 102 12.48 0.94 -5.68
CA LEU A 102 13.46 1.81 -5.05
C LEU A 102 12.67 2.88 -4.28
N THR A 103 13.06 3.13 -3.03
CA THR A 103 12.34 4.06 -2.19
C THR A 103 13.26 5.13 -1.65
N PHE A 104 12.70 6.30 -1.39
CA PHE A 104 13.41 7.34 -0.68
C PHE A 104 12.48 8.05 0.29
N THR A 105 13.08 8.82 1.19
CA THR A 105 12.33 9.62 2.14
C THR A 105 13.16 10.81 2.57
N SER A 106 12.48 11.90 2.92
CA SER A 106 13.11 13.11 3.45
C SER A 106 13.48 12.94 4.92
N ASP A 107 13.07 11.83 5.53
CA ASP A 107 13.30 11.58 6.95
C ASP A 107 13.62 10.09 7.17
N ARG A 108 14.91 9.79 7.34
CA ARG A 108 15.40 8.41 7.43
C ARG A 108 15.47 7.87 8.86
N ARG A 109 15.08 8.67 9.84
CA ARG A 109 15.10 8.23 11.23
C ARG A 109 14.21 7.01 11.40
N ASN A 110 14.54 6.15 12.36
CA ASN A 110 13.71 4.99 12.70
CA ASN A 110 13.67 4.99 12.58
C ASN A 110 12.34 5.45 13.18
N MSE A 111 11.33 4.60 13.03
CA MSE A 111 9.98 4.97 13.47
C MSE A 111 9.93 5.40 14.93
O MSE A 111 9.25 6.37 15.26
CB MSE A 111 9.01 3.80 13.24
CG MSE A 111 8.79 3.47 11.77
SE MSE A 111 7.25 2.31 11.58
CE MSE A 111 5.82 3.59 11.97
N ARG A 112 10.66 4.70 15.79
CA ARG A 112 10.61 5.02 17.22
C ARG A 112 11.27 6.36 17.54
N GLU A 113 12.27 6.74 16.74
CA GLU A 113 12.86 8.08 16.84
C GLU A 113 11.84 9.15 16.39
N LYS A 114 11.12 8.87 15.31
CA LYS A 114 10.11 9.79 14.80
C LYS A 114 8.99 10.04 15.81
N TYR A 115 8.49 8.96 16.42
CA TYR A 115 7.41 9.07 17.41
C TYR A 115 7.92 9.40 18.80
N GLY A 116 9.23 9.29 19.02
CA GLY A 116 9.84 9.62 20.31
C GLY A 116 9.58 8.59 21.39
N SER A 117 9.11 7.42 20.97
CA SER A 117 8.62 6.40 21.90
C SER A 117 8.32 5.10 21.17
N GLY A 118 8.10 4.03 21.93
CA GLY A 118 7.69 2.75 21.39
C GLY A 118 6.18 2.66 21.17
N VAL A 119 5.47 3.71 21.57
CA VAL A 119 4.04 3.83 21.30
C VAL A 119 3.71 5.24 20.86
N ASP A 120 2.58 5.38 20.17
CA ASP A 120 2.11 6.70 19.74
C ASP A 120 1.25 7.33 20.85
N LYS A 121 0.64 8.48 20.56
CA LYS A 121 -0.13 9.22 21.56
C LYS A 121 -1.34 8.45 22.11
N ASP A 122 -1.82 7.46 21.34
CA ASP A 122 -2.97 6.64 21.73
C ASP A 122 -2.56 5.25 22.23
N ASN A 123 -1.28 5.10 22.56
CA ASN A 123 -0.70 3.85 23.07
C ASN A 123 -0.66 2.70 22.05
N LEU A 124 -0.71 3.04 20.76
CA LEU A 124 -0.55 2.03 19.71
C LEU A 124 0.93 1.82 19.44
N ARG A 125 1.31 0.58 19.17
CA ARG A 125 2.71 0.20 19.07
C ARG A 125 3.38 0.79 17.84
N VAL A 126 4.56 1.37 18.05
CA VAL A 126 5.42 1.82 16.97
C VAL A 126 6.47 0.73 16.72
N GLU A 127 6.61 0.29 15.47
CA GLU A 127 7.50 -0.82 15.12
C GLU A 127 8.93 -0.57 15.57
N GLY A 128 9.61 -1.61 16.03
CA GLY A 128 10.99 -1.52 16.50
C GLY A 128 11.92 -2.43 15.74
N PHE A 129 12.08 -2.16 14.44
CA PHE A 129 12.96 -2.94 13.58
C PHE A 129 14.08 -2.09 12.96
N GLY A 130 14.31 -0.90 13.49
CA GLY A 130 15.37 -0.02 12.99
C GLY A 130 15.13 0.48 11.57
N LEU A 131 13.85 0.64 11.22
CA LEU A 131 13.45 1.08 9.88
C LEU A 131 12.66 2.39 9.98
N PRO A 132 12.66 3.19 8.91
CA PRO A 132 12.02 4.50 8.91
C PRO A 132 10.50 4.50 8.73
N PHE A 133 9.94 3.36 8.34
CA PHE A 133 8.52 3.24 8.08
C PHE A 133 8.10 1.77 8.16
N ASN A 134 6.81 1.54 8.01
CA ASN A 134 6.24 0.19 8.09
C ASN A 134 7.10 -0.83 7.37
N LEU A 135 7.41 -1.93 8.05
CA LEU A 135 8.38 -2.90 7.52
C LEU A 135 7.96 -3.55 6.21
N MSE A 136 6.67 -3.55 5.89
CA MSE A 136 6.22 -4.07 4.58
C MSE A 136 6.83 -3.29 3.43
O MSE A 136 6.98 -3.82 2.34
CB MSE A 136 4.69 -4.06 4.47
CG MSE A 136 3.97 -4.92 5.48
SE MSE A 136 4.52 -6.78 5.53
CE MSE A 136 4.01 -7.28 3.80
N LEU A 137 7.17 -2.02 3.67
CA LEU A 137 7.69 -1.12 2.63
C LEU A 137 9.20 -1.25 2.38
N TYR A 138 9.87 -2.12 3.15
CA TYR A 138 11.32 -2.33 3.04
C TYR A 138 11.57 -3.72 2.47
N ASP A 139 12.35 -3.81 1.39
CA ASP A 139 12.62 -5.11 0.76
C ASP A 139 14.10 -5.48 0.72
N GLY A 140 14.93 -4.73 1.46
CA GLY A 140 16.36 -5.01 1.55
C GLY A 140 17.23 -4.09 0.72
N VAL A 141 16.63 -3.39 -0.25
CA VAL A 141 17.34 -2.36 -0.98
C VAL A 141 17.46 -1.14 -0.05
N GLU A 142 18.60 -0.48 -0.10
CA GLU A 142 18.85 0.74 0.66
C GLU A 142 17.70 1.74 0.52
N VAL A 143 17.33 2.35 1.63
CA VAL A 143 16.39 3.47 1.61
C VAL A 143 17.19 4.73 1.30
N PHE A 144 16.91 5.32 0.13
CA PHE A 144 17.65 6.47 -0.37
C PHE A 144 17.15 7.77 0.24
N ASP A 145 17.92 8.85 0.10
CA ASP A 145 17.64 10.16 0.68
CA ASP A 145 17.50 10.11 0.71
C ASP A 145 16.96 11.11 -0.29
N SER A 146 16.88 10.72 -1.56
CA SER A 146 16.32 11.59 -2.59
C SER A 146 15.94 10.78 -3.82
N PHE A 147 15.14 11.38 -4.69
CA PHE A 147 14.80 10.76 -5.96
C PHE A 147 16.07 10.47 -6.76
N GLU A 148 16.97 11.45 -6.79
CA GLU A 148 18.20 11.38 -7.58
CA GLU A 148 18.18 11.34 -7.60
C GLU A 148 19.07 10.18 -7.16
N SER A 149 19.22 9.99 -5.85
CA SER A 149 20.06 8.89 -5.36
C SER A 149 19.45 7.54 -5.71
N ALA A 150 18.12 7.44 -5.66
CA ALA A 150 17.43 6.23 -6.10
C ALA A 150 17.65 6.02 -7.58
N PHE A 151 17.54 7.09 -8.36
CA PHE A 151 17.71 7.02 -9.81
C PHE A 151 19.12 6.55 -10.18
N LYS A 152 20.12 6.99 -9.42
CA LYS A 152 21.50 6.53 -9.64
C LYS A 152 21.62 5.02 -9.45
N TYR A 153 20.93 4.48 -8.44
CA TYR A 153 20.89 3.03 -8.26
C TYR A 153 20.25 2.35 -9.47
N PHE A 154 19.15 2.93 -9.97
CA PHE A 154 18.49 2.38 -11.15
C PHE A 154 19.45 2.29 -12.33
N LEU A 155 20.19 3.38 -12.59
CA LEU A 155 21.11 3.42 -13.72
C LEU A 155 22.22 2.39 -13.58
N ALA A 156 22.69 2.17 -12.35
CA ALA A 156 23.75 1.21 -12.08
C ALA A 156 23.28 -0.24 -12.16
N ASN A 157 21.99 -0.47 -11.92
CA ASN A 157 21.46 -1.83 -11.78
C ASN A 157 20.42 -2.25 -12.81
N PHE A 158 20.02 -1.32 -13.68
CA PHE A 158 19.12 -1.63 -14.80
C PHE A 158 19.63 -0.96 -16.07
N PRO A 159 20.70 -1.52 -16.67
CA PRO A 159 21.29 -0.90 -17.86
C PRO A 159 20.43 -1.05 -19.12
N SER A 160 20.70 -0.21 -20.11
CA SER A 160 20.05 -0.30 -21.41
C SER A 160 20.53 -1.54 -22.14
N HIS B 3 -14.15 -40.61 -4.60
CA HIS B 3 -14.16 -40.76 -3.11
C HIS B 3 -12.82 -40.33 -2.52
N HIS B 4 -12.86 -39.66 -1.38
CA HIS B 4 -11.69 -39.05 -0.75
C HIS B 4 -10.83 -38.24 -1.72
N HIS B 5 -11.49 -37.30 -2.39
CA HIS B 5 -10.80 -36.30 -3.21
C HIS B 5 -10.20 -35.22 -2.32
N HIS B 6 -9.18 -34.53 -2.81
CA HIS B 6 -8.65 -33.38 -2.10
C HIS B 6 -9.74 -32.33 -1.94
N HIS B 7 -9.80 -31.72 -0.75
CA HIS B 7 -10.74 -30.66 -0.47
CA HIS B 7 -10.75 -30.66 -0.44
C HIS B 7 -9.98 -29.39 -0.08
N HIS B 8 -10.28 -28.30 -0.76
CA HIS B 8 -9.66 -27.02 -0.48
C HIS B 8 -10.33 -26.37 0.72
N MSE B 9 -9.51 -25.92 1.68
CA MSE B 9 -10.01 -25.12 2.78
C MSE B 9 -9.81 -23.66 2.41
O MSE B 9 -8.69 -23.24 2.10
CB MSE B 9 -9.25 -25.42 4.07
CG MSE B 9 -9.76 -24.66 5.27
SE MSE B 9 -9.01 -25.35 6.90
CE MSE B 9 -9.94 -27.01 6.97
N ARG B 10 -10.89 -22.89 2.43
CA ARG B 10 -10.81 -21.47 2.09
C ARG B 10 -9.96 -20.72 3.10
N LYS B 11 -9.26 -19.70 2.61
CA LYS B 11 -8.30 -18.94 3.42
C LYS B 11 -8.47 -17.46 3.16
N ILE B 12 -8.47 -16.67 4.24
CA ILE B 12 -8.57 -15.22 4.11
C ILE B 12 -7.41 -14.56 4.84
N TYR B 13 -6.70 -13.67 4.14
CA TYR B 13 -5.65 -12.88 4.75
C TYR B 13 -6.25 -11.72 5.53
N ILE B 14 -5.85 -11.60 6.79
CA ILE B 14 -6.46 -10.66 7.72
C ILE B 14 -5.58 -9.41 7.82
N ALA B 15 -5.79 -8.49 6.89
CA ALA B 15 -4.98 -7.28 6.80
C ALA B 15 -5.56 -6.16 7.64
N GLY B 16 -4.68 -5.41 8.31
CA GLY B 16 -5.12 -4.29 9.12
C GLY B 16 -4.21 -3.97 10.29
N PRO B 17 -4.32 -2.76 10.84
CA PRO B 17 -3.44 -2.30 11.90
C PRO B 17 -3.74 -2.81 13.32
N ALA B 18 -4.60 -3.83 13.44
CA ALA B 18 -4.84 -4.48 14.75
C ALA B 18 -3.55 -4.93 15.41
N VAL B 19 -2.58 -5.33 14.61
CA VAL B 19 -1.26 -5.74 15.09
C VAL B 19 -0.59 -4.68 16.00
N PHE B 20 -0.92 -3.41 15.82
CA PHE B 20 -0.35 -2.34 16.64
C PHE B 20 -1.16 -2.02 17.89
N ASN B 21 -2.26 -2.73 18.12
CA ASN B 21 -2.96 -2.59 19.39
C ASN B 21 -2.06 -3.02 20.53
N PRO B 22 -2.31 -2.50 21.74
CA PRO B 22 -1.53 -2.92 22.91
C PRO B 22 -1.39 -4.43 23.03
N ASP B 23 -2.45 -5.18 22.75
CA ASP B 23 -2.44 -6.65 22.83
C ASP B 23 -1.93 -7.34 21.55
N MSE B 24 -1.29 -6.57 20.68
CA MSE B 24 -0.77 -7.07 19.39
C MSE B 24 -1.86 -7.65 18.50
O MSE B 24 -1.58 -8.47 17.61
CB MSE B 24 0.34 -8.10 19.62
CG MSE B 24 1.42 -7.63 20.57
SE MSE B 24 2.91 -8.88 20.61
CE MSE B 24 3.64 -8.48 18.84
N GLY B 25 -3.10 -7.20 18.71
CA GLY B 25 -4.24 -7.62 17.89
C GLY B 25 -5.00 -8.82 18.39
N ALA B 26 -4.63 -9.35 19.56
CA ALA B 26 -5.23 -10.56 20.09
C ALA B 26 -6.77 -10.53 20.09
N SER B 27 -7.35 -9.46 20.61
CA SER B 27 -8.82 -9.36 20.71
C SER B 27 -9.47 -9.36 19.33
N TYR B 28 -8.90 -8.60 18.40
CA TYR B 28 -9.40 -8.54 17.03
C TYR B 28 -9.27 -9.89 16.35
N TYR B 29 -8.06 -10.45 16.40
CA TYR B 29 -7.80 -11.74 15.76
C TYR B 29 -8.61 -12.89 16.37
N ASN B 30 -8.85 -12.84 17.68
CA ASN B 30 -9.68 -13.87 18.32
C ASN B 30 -11.12 -13.84 17.81
N LYS B 31 -11.67 -12.64 17.64
CA LYS B 31 -13.01 -12.49 17.07
C LYS B 31 -13.05 -13.02 15.64
N VAL B 32 -12.01 -12.69 14.86
CA VAL B 32 -11.88 -13.17 13.49
C VAL B 32 -11.81 -14.70 13.46
N ARG B 33 -10.97 -15.27 14.32
CA ARG B 33 -10.82 -16.72 14.39
CA ARG B 33 -10.82 -16.72 14.40
C ARG B 33 -12.16 -17.40 14.70
N GLU B 34 -12.90 -16.87 15.66
CA GLU B 34 -14.19 -17.46 16.05
C GLU B 34 -15.22 -17.38 14.93
N LEU B 35 -15.26 -16.25 14.23
CA LEU B 35 -16.22 -16.06 13.15
C LEU B 35 -15.94 -16.98 11.97
N LEU B 36 -14.67 -17.10 11.60
CA LEU B 36 -14.27 -17.91 10.44
C LEU B 36 -14.36 -19.41 10.71
N LYS B 37 -14.06 -19.80 11.95
CA LYS B 37 -14.11 -21.22 12.36
C LYS B 37 -15.46 -21.86 12.04
N LYS B 38 -16.53 -21.09 12.22
CA LYS B 38 -17.89 -21.57 11.99
C LYS B 38 -18.13 -21.98 10.52
N GLU B 39 -17.39 -21.38 9.60
CA GLU B 39 -17.54 -21.64 8.17
C GLU B 39 -16.39 -22.46 7.58
N ASN B 40 -15.54 -23.01 8.44
CA ASN B 40 -14.36 -23.78 8.01
C ASN B 40 -13.45 -22.94 7.10
N VAL B 41 -13.29 -21.67 7.45
CA VAL B 41 -12.37 -20.78 6.74
C VAL B 41 -11.17 -20.53 7.64
N MSE B 42 -9.97 -20.61 7.04
CA MSE B 42 -8.73 -20.39 7.79
C MSE B 42 -8.32 -18.93 7.71
O MSE B 42 -8.14 -18.38 6.62
CB MSE B 42 -7.61 -21.26 7.21
CG MSE B 42 -6.42 -21.43 8.15
SE MSE B 42 -4.96 -22.39 7.30
CE MSE B 42 -5.97 -23.69 6.35
N PRO B 43 -8.16 -18.28 8.89
CA PRO B 43 -7.57 -16.94 8.87
C PRO B 43 -6.06 -17.03 8.71
N LEU B 44 -5.51 -16.23 7.80
CA LEU B 44 -4.07 -16.05 7.66
C LEU B 44 -3.75 -14.72 8.30
N ILE B 45 -3.15 -14.78 9.49
CA ILE B 45 -3.01 -13.62 10.36
C ILE B 45 -1.55 -13.17 10.36
N PRO B 46 -1.31 -11.86 10.16
CA PRO B 46 0.06 -11.34 10.02
C PRO B 46 1.07 -11.77 11.07
N THR B 47 0.62 -12.00 12.30
CA THR B 47 1.51 -12.37 13.40
C THR B 47 1.72 -13.89 13.56
N ASP B 48 1.12 -14.69 12.68
CA ASP B 48 1.26 -16.14 12.78
CA ASP B 48 1.26 -16.16 12.72
C ASP B 48 2.71 -16.58 12.55
N ASN B 49 3.19 -17.47 13.42
CA ASN B 49 4.54 -18.01 13.34
C ASN B 49 5.58 -16.90 13.09
N GLU B 50 5.49 -15.84 13.88
CA GLU B 50 6.21 -14.60 13.59
C GLU B 50 7.71 -14.76 13.70
N ALA B 51 8.42 -14.27 12.67
CA ALA B 51 9.88 -14.25 12.66
C ALA B 51 10.39 -13.04 13.43
N THR B 52 11.70 -12.96 13.60
CA THR B 52 12.34 -11.86 14.34
C THR B 52 12.89 -10.77 13.42
N GLU B 53 13.21 -11.13 12.17
CA GLU B 53 13.78 -10.20 11.21
C GLU B 53 12.69 -9.62 10.30
N ALA B 54 12.77 -8.30 10.08
CA ALA B 54 11.79 -7.59 9.27
C ALA B 54 11.51 -8.25 7.91
N LEU B 55 12.56 -8.56 7.17
CA LEU B 55 12.40 -9.13 5.82
C LEU B 55 11.68 -10.48 5.83
N ASP B 56 11.90 -11.27 6.88
CA ASP B 56 11.24 -12.57 7.01
C ASP B 56 9.75 -12.41 7.32
N ILE B 57 9.43 -11.47 8.22
CA ILE B 57 8.05 -11.14 8.53
C ILE B 57 7.32 -10.66 7.27
N ARG B 58 7.98 -9.78 6.52
CA ARG B 58 7.42 -9.28 5.27
C ARG B 58 7.17 -10.41 4.27
N GLN B 59 8.16 -11.25 4.06
CA GLN B 59 8.05 -12.32 3.06
C GLN B 59 6.97 -13.32 3.43
N LYS B 60 6.85 -13.63 4.71
CA LYS B 60 5.80 -14.55 5.17
C LYS B 60 4.41 -13.95 4.95
N ASN B 61 4.28 -12.64 5.15
CA ASN B 61 3.00 -11.98 4.90
C ASN B 61 2.64 -11.93 3.41
N ILE B 62 3.62 -11.65 2.56
CA ILE B 62 3.40 -11.69 1.12
C ILE B 62 2.97 -13.10 0.69
N GLN B 63 3.60 -14.11 1.28
CA GLN B 63 3.27 -15.49 0.95
C GLN B 63 1.84 -15.82 1.37
N MSE B 64 1.41 -15.34 2.54
CA MSE B 64 0.02 -15.52 2.97
C MSE B 64 -0.94 -14.91 1.96
O MSE B 64 -1.98 -15.49 1.66
CB MSE B 64 -0.22 -14.91 4.34
CG MSE B 64 0.38 -15.69 5.48
SE MSE B 64 -0.04 -14.89 7.20
CE MSE B 64 1.52 -15.46 8.20
N ILE B 65 -0.60 -13.74 1.41
CA ILE B 65 -1.44 -13.12 0.40
C ILE B 65 -1.48 -13.98 -0.87
N LYS B 66 -0.32 -14.47 -1.31
CA LYS B 66 -0.27 -15.40 -2.44
C LYS B 66 -1.12 -16.66 -2.20
N ASP B 67 -1.14 -17.14 -0.96
CA ASP B 67 -1.87 -18.36 -0.61
C ASP B 67 -3.37 -18.18 -0.39
N CYS B 68 -3.82 -16.95 -0.21
CA CYS B 68 -5.21 -16.70 0.21
C CYS B 68 -6.19 -16.76 -0.94
N ASP B 69 -7.46 -16.93 -0.59
CA ASP B 69 -8.55 -16.82 -1.55
C ASP B 69 -9.10 -15.40 -1.58
N ALA B 70 -9.04 -14.73 -0.43
CA ALA B 70 -9.38 -13.32 -0.35
C ALA B 70 -8.62 -12.61 0.75
N VAL B 71 -8.54 -11.29 0.62
CA VAL B 71 -8.07 -10.42 1.68
C VAL B 71 -9.28 -9.68 2.22
N ILE B 72 -9.42 -9.65 3.55
CA ILE B 72 -10.33 -8.70 4.20
C ILE B 72 -9.44 -7.70 4.92
N ALA B 73 -9.49 -6.45 4.47
CA ALA B 73 -8.58 -5.40 4.93
C ALA B 73 -9.30 -4.34 5.75
N ASP B 74 -8.80 -4.10 6.95
CA ASP B 74 -9.28 -3.02 7.80
C ASP B 74 -8.60 -1.71 7.39
N LEU B 75 -9.34 -0.91 6.62
CA LEU B 75 -8.85 0.39 6.16
C LEU B 75 -9.41 1.54 7.01
N SER B 76 -9.71 1.24 8.27
CA SER B 76 -10.11 2.28 9.21
C SER B 76 -9.02 3.33 9.37
N PRO B 77 -9.41 4.54 9.82
CA PRO B 77 -8.40 5.55 10.12
C PRO B 77 -7.32 5.01 11.04
N PHE B 78 -6.07 5.30 10.72
CA PHE B 78 -4.92 4.93 11.55
C PHE B 78 -4.00 6.13 11.66
N ARG B 79 -3.85 6.64 12.89
CA ARG B 79 -2.99 7.79 13.16
C ARG B 79 -3.40 9.01 12.34
N GLY B 80 -4.71 9.23 12.26
CA GLY B 80 -5.28 10.28 11.43
C GLY B 80 -6.42 9.73 10.59
N HIS B 81 -6.75 10.43 9.50
CA HIS B 81 -7.86 10.02 8.64
C HIS B 81 -7.48 8.97 7.59
N GLU B 82 -6.19 8.71 7.42
CA GLU B 82 -5.70 7.80 6.39
C GLU B 82 -5.62 6.37 6.93
N PRO B 83 -5.87 5.36 6.08
CA PRO B 83 -5.62 3.98 6.51
C PRO B 83 -4.14 3.70 6.76
N ASP B 84 -3.86 2.55 7.38
CA ASP B 84 -2.50 2.07 7.62
C ASP B 84 -1.77 1.76 6.31
N CYS B 85 -0.53 2.24 6.18
CA CYS B 85 0.22 2.03 4.95
CA CYS B 85 0.30 2.01 4.99
C CYS B 85 0.64 0.56 4.74
N GLY B 86 0.87 -0.19 5.83
CA GLY B 86 1.18 -1.61 5.70
C GLY B 86 0.01 -2.36 5.12
N THR B 87 -1.17 -2.06 5.63
CA THR B 87 -2.40 -2.62 5.10
C THR B 87 -2.59 -2.25 3.62
N ALA B 88 -2.32 -0.98 3.28
CA ALA B 88 -2.38 -0.52 1.89
C ALA B 88 -1.42 -1.30 0.99
N PHE B 89 -0.19 -1.52 1.46
CA PHE B 89 0.78 -2.34 0.72
C PHE B 89 0.19 -3.72 0.43
N GLU B 90 -0.41 -4.32 1.45
CA GLU B 90 -0.97 -5.66 1.32
C GLU B 90 -2.14 -5.71 0.34
N VAL B 91 -2.97 -4.67 0.36
CA VAL B 91 -4.08 -4.55 -0.57
C VAL B 91 -3.54 -4.42 -2.00
N GLY B 92 -2.45 -3.68 -2.18
CA GLY B 92 -1.79 -3.56 -3.49
C GLY B 92 -1.21 -4.87 -3.97
N CYS B 93 -0.55 -5.59 -3.07
CA CYS B 93 -0.05 -6.92 -3.38
CA CYS B 93 -0.06 -6.95 -3.37
C CYS B 93 -1.20 -7.81 -3.88
N ALA B 94 -2.29 -7.83 -3.13
CA ALA B 94 -3.45 -8.65 -3.48
C ALA B 94 -4.05 -8.26 -4.85
N ALA B 95 -4.15 -6.96 -5.12
CA ALA B 95 -4.67 -6.48 -6.40
C ALA B 95 -3.83 -6.98 -7.57
N ALA B 96 -2.50 -6.89 -7.45
CA ALA B 96 -1.60 -7.32 -8.51
C ALA B 96 -1.68 -8.83 -8.76
N LEU B 97 -2.03 -9.57 -7.70
CA LEU B 97 -2.16 -11.03 -7.78
C LEU B 97 -3.58 -11.48 -8.14
N ASN B 98 -4.45 -10.52 -8.48
CA ASN B 98 -5.83 -10.79 -8.86
C ASN B 98 -6.64 -11.53 -7.79
N LYS B 99 -6.35 -11.23 -6.53
CA LYS B 99 -7.09 -11.81 -5.41
C LYS B 99 -8.33 -10.99 -5.14
N MSE B 100 -9.36 -11.66 -4.63
CA MSE B 100 -10.53 -10.95 -4.13
C MSE B 100 -10.09 -10.09 -2.96
O MSE B 100 -9.51 -10.58 -2.00
CB MSE B 100 -11.61 -11.94 -3.67
CG MSE B 100 -12.83 -11.26 -3.06
SE MSE B 100 -14.22 -12.54 -2.55
CE MSE B 100 -14.78 -13.08 -4.35
N VAL B 101 -10.35 -8.79 -3.06
CA VAL B 101 -10.05 -7.85 -1.99
C VAL B 101 -11.34 -7.24 -1.46
N LEU B 102 -11.55 -7.37 -0.15
CA LEU B 102 -12.72 -6.83 0.53
C LEU B 102 -12.22 -5.90 1.62
N THR B 103 -12.79 -4.70 1.69
CA THR B 103 -12.31 -3.70 2.63
C THR B 103 -13.44 -3.21 3.53
N PHE B 104 -13.09 -2.78 4.73
CA PHE B 104 -14.04 -2.12 5.59
C PHE B 104 -13.37 -0.98 6.33
N THR B 105 -14.20 -0.12 6.91
CA THR B 105 -13.69 0.98 7.71
C THR B 105 -14.73 1.39 8.76
N SER B 106 -14.24 1.91 9.86
CA SER B 106 -15.08 2.42 10.93
C SER B 106 -15.64 3.81 10.60
N ASP B 107 -15.17 4.39 9.51
CA ASP B 107 -15.56 5.74 9.10
C ASP B 107 -15.70 5.80 7.58
N ARG B 108 -16.94 5.77 7.10
CA ARG B 108 -17.22 5.68 5.66
C ARG B 108 -17.42 7.05 4.98
N ARG B 109 -17.26 8.13 5.74
CA ARG B 109 -17.41 9.47 5.17
C ARG B 109 -16.39 9.70 4.06
N ASN B 110 -16.71 10.56 3.10
CA ASN B 110 -15.78 10.96 2.04
CA ASN B 110 -15.74 10.85 2.06
C ASN B 110 -14.56 11.62 2.64
N MSE B 111 -13.42 11.54 1.96
CA MSE B 111 -12.20 12.18 2.44
C MSE B 111 -12.41 13.68 2.72
O MSE B 111 -11.94 14.20 3.74
CB MSE B 111 -11.06 12.00 1.44
CG MSE B 111 -10.60 10.56 1.28
SE MSE B 111 -8.90 10.50 0.34
CE MSE B 111 -7.72 11.31 1.74
N ARG B 112 -13.13 14.37 1.85
CA ARG B 112 -13.33 15.80 2.04
C ARG B 112 -14.21 16.11 3.25
N GLU B 113 -15.14 15.21 3.58
CA GLU B 113 -15.92 15.34 4.81
CA GLU B 113 -15.91 15.36 4.81
C GLU B 113 -15.02 15.12 6.02
N LYS B 114 -14.16 14.11 5.94
CA LYS B 114 -13.22 13.81 7.03
C LYS B 114 -12.29 14.98 7.34
N TYR B 115 -11.72 15.59 6.29
CA TYR B 115 -10.79 16.71 6.47
C TYR B 115 -11.52 18.05 6.60
N GLY B 116 -12.81 18.09 6.25
CA GLY B 116 -13.62 19.30 6.37
C GLY B 116 -13.35 20.34 5.30
N SER B 117 -12.62 19.93 4.26
CA SER B 117 -12.19 20.83 3.20
C SER B 117 -11.61 20.04 2.04
N GLY B 118 -11.37 20.71 0.93
CA GLY B 118 -10.68 20.12 -0.21
C GLY B 118 -9.17 20.14 -0.06
N VAL B 119 -8.69 20.74 1.03
CA VAL B 119 -7.27 20.68 1.38
C VAL B 119 -7.09 20.39 2.86
N ASP B 120 -5.91 19.88 3.22
CA ASP B 120 -5.58 19.63 4.62
C ASP B 120 -4.96 20.90 5.23
N LYS B 121 -4.51 20.80 6.48
CA LYS B 121 -3.98 21.96 7.21
C LYS B 121 -2.74 22.60 6.56
N ASP B 122 -2.05 21.83 5.71
CA ASP B 122 -0.85 22.29 5.02
C ASP B 122 -1.12 22.62 3.54
N ASN B 123 -2.40 22.77 3.19
CA ASN B 123 -2.85 23.12 1.84
C ASN B 123 -2.59 22.02 0.80
N LEU B 124 -2.41 20.77 1.25
CA LEU B 124 -2.27 19.66 0.34
C LEU B 124 -3.66 19.13 -0.04
N ARG B 125 -3.81 18.76 -1.30
CA ARG B 125 -5.11 18.41 -1.84
C ARG B 125 -5.69 17.15 -1.22
N VAL B 126 -6.97 17.23 -0.85
CA VAL B 126 -7.75 16.07 -0.41
C VAL B 126 -8.60 15.59 -1.58
N GLU B 127 -8.51 14.30 -1.89
CA GLU B 127 -9.17 13.74 -3.08
C GLU B 127 -10.68 14.00 -3.07
N GLY B 128 -11.23 14.28 -4.25
CA GLY B 128 -12.67 14.55 -4.39
C GLY B 128 -13.35 13.59 -5.34
N PHE B 129 -13.35 12.30 -4.99
CA PHE B 129 -14.01 11.27 -5.80
C PHE B 129 -15.15 10.57 -5.06
N GLY B 130 -15.61 11.16 -3.95
CA GLY B 130 -16.70 10.58 -3.18
C GLY B 130 -16.36 9.27 -2.50
N LEU B 131 -15.08 9.08 -2.19
CA LEU B 131 -14.57 7.87 -1.56
C LEU B 131 -14.00 8.18 -0.18
N PRO B 132 -13.98 7.18 0.72
CA PRO B 132 -13.54 7.38 2.10
C PRO B 132 -12.03 7.39 2.32
N PHE B 133 -11.27 7.03 1.29
CA PHE B 133 -9.82 6.95 1.38
C PHE B 133 -9.21 6.98 -0.02
N ASN B 134 -7.88 6.99 -0.07
CA ASN B 134 -7.14 7.07 -1.32
C ASN B 134 -7.74 6.16 -2.38
N LEU B 135 -7.99 6.70 -3.57
CA LEU B 135 -8.73 5.97 -4.61
C LEU B 135 -8.05 4.68 -5.07
N MSE B 136 -6.73 4.56 -4.86
CA MSE B 136 -6.05 3.31 -5.20
C MSE B 136 -6.59 2.13 -4.40
O MSE B 136 -6.52 0.99 -4.84
CB MSE B 136 -4.53 3.43 -4.98
CG MSE B 136 -3.86 4.50 -5.81
SE MSE B 136 -4.10 4.27 -7.73
CE MSE B 136 -3.35 2.56 -7.97
N LEU B 137 -7.14 2.41 -3.23
CA LEU B 137 -7.64 1.37 -2.32
C LEU B 137 -9.06 0.89 -2.63
N TYR B 138 -9.70 1.51 -3.62
CA TYR B 138 -11.08 1.17 -4.00
C TYR B 138 -11.06 0.47 -5.36
N ASP B 139 -11.66 -0.73 -5.44
CA ASP B 139 -11.66 -1.47 -6.71
C ASP B 139 -13.06 -1.77 -7.27
N GLY B 140 -14.08 -1.10 -6.72
CA GLY B 140 -15.46 -1.25 -7.21
C GLY B 140 -16.33 -2.10 -6.31
N VAL B 141 -15.72 -2.94 -5.47
CA VAL B 141 -16.47 -3.67 -4.46
C VAL B 141 -16.87 -2.68 -3.36
N GLU B 142 -18.09 -2.85 -2.85
CA GLU B 142 -18.60 -2.03 -1.77
C GLU B 142 -17.60 -1.93 -0.62
N VAL B 143 -17.47 -0.73 -0.06
CA VAL B 143 -16.71 -0.54 1.17
C VAL B 143 -17.63 -0.89 2.33
N PHE B 144 -17.29 -1.93 3.07
CA PHE B 144 -18.12 -2.47 4.15
C PHE B 144 -17.89 -1.70 5.45
N ASP B 145 -18.80 -1.87 6.41
CA ASP B 145 -18.77 -1.17 7.70
CA ASP B 145 -18.64 -1.12 7.66
C ASP B 145 -18.13 -1.97 8.82
N SER B 146 -17.81 -3.23 8.55
CA SER B 146 -17.27 -4.11 9.57
C SER B 146 -16.61 -5.32 8.93
N PHE B 147 -15.77 -5.99 9.70
CA PHE B 147 -15.19 -7.24 9.26
C PHE B 147 -16.28 -8.24 8.90
N GLU B 148 -17.31 -8.33 9.75
CA GLU B 148 -18.39 -9.30 9.59
CA GLU B 148 -18.35 -9.33 9.56
C GLU B 148 -19.13 -9.10 8.26
N SER B 149 -19.42 -7.85 7.93
CA SER B 149 -20.16 -7.56 6.69
C SER B 149 -19.31 -7.92 5.47
N ALA B 150 -18.01 -7.67 5.54
CA ALA B 150 -17.09 -8.10 4.47
C ALA B 150 -17.08 -9.62 4.38
N PHE B 151 -17.05 -10.30 5.52
CA PHE B 151 -17.02 -11.76 5.54
C PHE B 151 -18.29 -12.36 4.93
N LYS B 152 -19.42 -11.72 5.14
CA LYS B 152 -20.68 -12.16 4.52
C LYS B 152 -20.59 -12.11 3.00
N TYR B 153 -19.98 -11.05 2.46
CA TYR B 153 -19.75 -10.97 1.02
C TYR B 153 -18.86 -12.12 0.54
N PHE B 154 -17.82 -12.42 1.30
CA PHE B 154 -16.94 -13.53 0.96
C PHE B 154 -17.71 -14.84 0.84
N LEU B 155 -18.54 -15.12 1.85
CA LEU B 155 -19.29 -16.37 1.87
C LEU B 155 -20.27 -16.48 0.69
N ALA B 156 -20.85 -15.35 0.32
CA ALA B 156 -21.78 -15.29 -0.80
C ALA B 156 -21.10 -15.41 -2.16
N ASN B 157 -19.84 -14.98 -2.25
CA ASN B 157 -19.15 -14.86 -3.54
C ASN B 157 -17.93 -15.77 -3.72
N PHE B 158 -17.57 -16.51 -2.67
CA PHE B 158 -16.51 -17.50 -2.76
C PHE B 158 -16.95 -18.78 -2.04
N PRO B 159 -17.85 -19.55 -2.68
CA PRO B 159 -18.36 -20.76 -2.03
C PRO B 159 -17.32 -21.89 -1.99
N SER B 160 -17.54 -22.86 -1.11
CA SER B 160 -16.69 -24.04 -1.02
C SER B 160 -16.88 -24.91 -2.25
S SO4 C . 9.31 -0.58 -25.59
O1 SO4 C . 9.03 -0.62 -27.03
O2 SO4 C . 8.06 -0.51 -24.84
O3 SO4 C . 10.16 0.56 -25.27
O4 SO4 C . 10.02 -1.81 -25.22
CAH 12Q D . -5.46 10.87 -6.11
CAH 12Q D . 5.01 -5.56 13.84
NAC 12Q D . -4.77 9.96 -7.04
NAC 12Q D . 4.47 -6.45 12.78
CAA 12Q D . -4.45 10.37 -8.34
CAA 12Q D . 4.21 -5.95 11.50
CAD 12Q D . -4.77 11.66 -8.78
CAD 12Q D . 4.46 -4.61 11.20
CAI 12Q D . -4.45 12.06 -10.07
CAI 12Q D . 4.20 -4.12 9.93
CAK 12Q D . -3.80 11.17 -10.93
CAK 12Q D . 3.69 -4.96 8.95
CAF 12Q D . -3.47 9.90 -10.50
CAF 12Q D . 3.44 -6.29 9.24
CAB 12Q D . -3.79 9.49 -9.21
CAB 12Q D . 3.70 -6.79 10.51
CAE 12Q D . -3.44 8.21 -8.78
CAE 12Q D . 3.44 -8.13 10.80
CAJ 12Q D . -3.77 7.80 -7.49
CAJ 12Q D . 3.70 -8.64 12.06
CAG 12Q D . -4.42 8.66 -6.61
CAG 12Q D . 4.21 -7.81 13.06
OAL 12Q D . -4.69 8.27 -5.48
OAL 12Q D . 4.43 -8.27 14.18
C1 GOL E . -1.09 9.32 -4.71
O1 GOL E . -1.41 8.48 -3.62
C2 GOL E . -0.35 8.57 -5.80
O2 GOL E . -1.10 7.47 -6.26
C3 GOL E . 0.95 8.00 -5.28
O3 GOL E . 1.85 7.84 -6.37
S SO4 F . -5.63 -26.67 0.58
O1 SO4 F . -5.19 -28.06 0.67
O2 SO4 F . -4.49 -25.79 0.79
O3 SO4 F . -6.64 -26.41 1.59
O4 SO4 F . -6.18 -26.46 -0.76
CAH 12Q G . 4.75 -4.56 12.16
CAH 12Q G . -5.88 12.56 -7.25
NAC 12Q G . 4.30 -5.60 11.21
NAC 12Q G . -5.10 11.54 -8.01
CAA 12Q G . 4.09 -6.92 11.67
CAA 12Q G . -4.74 10.34 -7.39
CAD 12Q G . 4.31 -7.26 13.00
CAD 12Q G . -5.11 10.08 -6.07
CAI 12Q G . 4.10 -8.57 13.44
CAI 12Q G . -4.75 8.88 -5.46
CAK 12Q G . 3.67 -9.53 12.53
CAK 12Q G . -4.03 7.94 -6.16
CAF 12Q G . 3.46 -9.20 11.20
CAF 12Q G . -3.66 8.18 -7.49
CAB 12Q G . 3.67 -7.90 10.76
CAB 12Q G . -4.02 9.38 -8.10
CAE 12Q G . 3.46 -7.57 9.43
CAE 12Q G . -3.64 9.62 -9.42
CAJ 12Q G . 3.67 -6.27 8.98
CAJ 12Q G . -3.99 10.81 -10.04
CAG 12Q G . 4.09 -5.27 9.86
CAG 12Q G . -4.73 11.78 -9.34
OAL 12Q G . 4.25 -4.13 9.46
OAL 12Q G . -5.04 12.83 -9.89
C1 GOL H . 0.47 -3.86 9.78
O1 GOL H . 0.73 -2.81 8.88
C2 GOL H . -0.01 -5.10 9.03
O2 GOL H . 0.93 -5.51 8.07
C3 GOL H . -1.30 -4.82 8.30
O3 GOL H . -2.02 -6.03 8.15
#